data_1IWF
#
_entry.id   1IWF
#
_entity_poly.entity_id   1
_entity_poly.type   'polypeptide(L)'
_entity_poly.pdbx_seq_one_letter_code
;MGKAENYELYQVELGPGPSGDMAAKMSKKKAGRG
;
_entity_poly.pdbx_strand_id   A
#
# COMPACT_ATOMS: atom_id res chain seq x y z
N MET A 1 1.45 1.78 17.47
CA MET A 1 0.80 2.98 18.08
C MET A 1 1.63 4.22 17.74
N GLY A 2 1.04 5.38 17.87
CA GLY A 2 1.80 6.63 17.57
C GLY A 2 1.59 7.01 16.10
N LYS A 3 2.14 6.25 15.20
CA LYS A 3 1.98 6.57 13.75
C LYS A 3 0.59 6.12 13.29
N ALA A 4 0.03 5.14 13.92
CA ALA A 4 -1.33 4.66 13.51
C ALA A 4 -1.27 4.17 12.06
N GLU A 5 -2.12 3.23 11.71
CA GLU A 5 -2.11 2.70 10.32
C GLU A 5 -3.55 2.58 9.82
N ASN A 6 -3.74 2.54 8.52
CA ASN A 6 -5.12 2.42 7.97
C ASN A 6 -5.38 0.96 7.58
N TYR A 7 -6.53 0.68 7.02
CA TYR A 7 -6.84 -0.71 6.62
C TYR A 7 -6.43 -0.93 5.17
N GLU A 8 -6.92 -0.11 4.28
CA GLU A 8 -6.56 -0.27 2.84
C GLU A 8 -6.06 1.08 2.29
N LEU A 9 -5.09 1.67 2.94
CA LEU A 9 -4.56 2.97 2.46
C LEU A 9 -3.42 2.71 1.46
N TYR A 10 -2.30 2.27 1.94
CA TYR A 10 -1.15 2.00 1.02
C TYR A 10 -1.38 0.70 0.25
N GLN A 11 -2.51 0.07 0.42
CA GLN A 11 -2.79 -1.19 -0.33
C GLN A 11 -3.41 -0.82 -1.67
N VAL A 12 -3.02 0.30 -2.21
CA VAL A 12 -3.58 0.76 -3.51
C VAL A 12 -2.53 0.56 -4.61
N GLU A 13 -2.25 -0.67 -4.95
CA GLU A 13 -1.24 -0.92 -6.02
C GLU A 13 0.03 -0.11 -5.73
N LEU A 14 0.60 -0.29 -4.57
CA LEU A 14 1.83 0.47 -4.23
C LEU A 14 2.91 0.21 -5.29
N GLY A 15 4.01 0.90 -5.22
CA GLY A 15 5.08 0.68 -6.23
C GLY A 15 4.51 0.89 -7.65
N PRO A 16 4.77 2.04 -8.21
CA PRO A 16 4.29 2.38 -9.56
C PRO A 16 5.17 1.70 -10.61
N GLY A 17 4.96 0.44 -10.85
CA GLY A 17 5.78 -0.27 -11.87
C GLY A 17 4.87 -1.07 -12.80
N PRO A 18 4.30 -0.37 -13.75
CA PRO A 18 3.38 -0.98 -14.74
C PRO A 18 4.18 -1.72 -15.81
N SER A 19 4.69 -1.00 -16.79
CA SER A 19 5.47 -1.67 -17.87
C SER A 19 6.65 -2.43 -17.26
N GLY A 20 6.84 -3.66 -17.67
CA GLY A 20 7.96 -4.45 -17.11
C GLY A 20 7.73 -4.73 -15.63
N ASP A 21 8.77 -4.81 -14.84
CA ASP A 21 8.59 -5.09 -13.39
C ASP A 21 9.05 -3.87 -12.58
N MET A 22 9.07 -3.99 -11.28
CA MET A 22 9.51 -2.84 -10.44
C MET A 22 10.85 -3.19 -9.77
N ALA A 23 11.61 -2.21 -9.40
CA ALA A 23 12.92 -2.48 -8.75
C ALA A 23 13.74 -1.19 -8.69
N ALA A 24 13.31 -0.24 -7.92
CA ALA A 24 14.07 1.04 -7.81
C ALA A 24 14.91 1.04 -6.53
N LYS A 25 15.09 -0.11 -5.93
CA LYS A 25 15.89 -0.18 -4.69
C LYS A 25 15.35 0.82 -3.67
N MET A 26 14.17 0.60 -3.16
CA MET A 26 13.58 1.54 -2.17
C MET A 26 12.68 0.77 -1.20
N SER A 27 11.67 0.13 -1.72
CA SER A 27 10.75 -0.65 -0.86
C SER A 27 10.66 -2.09 -1.37
N LYS A 28 11.51 -2.96 -0.88
CA LYS A 28 11.48 -4.37 -1.34
C LYS A 28 10.94 -5.27 -0.23
N LYS A 29 9.65 -5.33 -0.07
CA LYS A 29 9.07 -6.20 0.99
C LYS A 29 8.11 -7.20 0.36
N LYS A 30 8.60 -7.99 -0.57
CA LYS A 30 7.71 -8.99 -1.23
C LYS A 30 7.30 -10.05 -0.21
N ALA A 31 8.23 -10.86 0.24
CA ALA A 31 7.88 -11.92 1.23
C ALA A 31 9.11 -12.79 1.49
N GLY A 32 10.07 -12.28 2.22
CA GLY A 32 11.29 -13.08 2.51
C GLY A 32 10.92 -14.29 3.37
N ARG A 33 11.10 -14.19 4.66
CA ARG A 33 10.75 -15.34 5.54
C ARG A 33 9.37 -15.11 6.16
N GLY A 34 8.99 -15.92 7.12
CA GLY A 34 7.66 -15.73 7.76
C GLY A 34 7.21 -17.07 8.37
N MET A 1 -18.59 -0.75 -0.82
CA MET A 1 -19.77 -0.10 -1.47
C MET A 1 -19.28 1.00 -2.42
N GLY A 2 -18.51 0.65 -3.40
CA GLY A 2 -18.01 1.69 -4.36
C GLY A 2 -16.50 1.86 -4.18
N LYS A 3 -15.81 0.81 -3.83
CA LYS A 3 -14.33 0.93 -3.64
C LYS A 3 -14.04 1.98 -2.57
N ALA A 4 -14.45 1.74 -1.36
CA ALA A 4 -14.20 2.73 -0.28
C ALA A 4 -13.27 2.11 0.78
N GLU A 5 -12.07 2.59 0.87
CA GLU A 5 -11.12 2.02 1.87
C GLU A 5 -10.74 3.11 2.89
N ASN A 6 -10.33 2.72 4.06
CA ASN A 6 -9.95 3.72 5.10
C ASN A 6 -8.62 3.32 5.73
N TYR A 7 -8.48 2.07 6.09
CA TYR A 7 -7.21 1.61 6.72
C TYR A 7 -6.33 0.95 5.66
N GLU A 8 -6.92 0.42 4.62
CA GLU A 8 -6.12 -0.24 3.56
C GLU A 8 -5.75 0.78 2.48
N LEU A 9 -5.28 1.93 2.87
CA LEU A 9 -4.90 2.96 1.86
C LEU A 9 -3.51 2.67 1.33
N TYR A 10 -2.74 1.90 2.05
CA TYR A 10 -1.36 1.57 1.57
C TYR A 10 -1.43 0.45 0.54
N GLN A 11 -2.62 0.06 0.15
CA GLN A 11 -2.74 -1.02 -0.87
C GLN A 11 -2.79 -0.38 -2.25
N VAL A 12 -2.08 0.70 -2.42
CA VAL A 12 -2.06 1.42 -3.71
C VAL A 12 -0.79 1.07 -4.48
N GLU A 13 -0.70 -0.13 -4.98
CA GLU A 13 0.52 -0.52 -5.74
C GLU A 13 1.76 -0.28 -4.88
N LEU A 14 1.73 -0.68 -3.65
CA LEU A 14 2.91 -0.47 -2.76
C LEU A 14 4.19 -0.87 -3.51
N GLY A 15 5.33 -0.60 -2.95
CA GLY A 15 6.60 -0.97 -3.64
C GLY A 15 6.68 -2.50 -3.74
N PRO A 16 7.12 -2.97 -4.89
CA PRO A 16 7.25 -4.42 -5.15
C PRO A 16 8.52 -4.96 -4.49
N GLY A 17 8.48 -5.19 -3.21
CA GLY A 17 9.70 -5.73 -2.51
C GLY A 17 9.37 -7.10 -1.91
N PRO A 18 10.37 -7.69 -1.29
CA PRO A 18 10.23 -9.01 -0.66
C PRO A 18 9.53 -8.88 0.71
N SER A 19 10.10 -8.11 1.60
CA SER A 19 9.48 -7.94 2.94
C SER A 19 9.45 -9.29 3.65
N GLY A 20 10.46 -10.10 3.46
CA GLY A 20 10.49 -11.43 4.13
C GLY A 20 9.72 -12.45 3.29
N ASP A 21 8.57 -12.86 3.74
CA ASP A 21 7.78 -13.85 2.96
C ASP A 21 6.46 -13.21 2.53
N MET A 22 5.72 -13.87 1.67
CA MET A 22 4.42 -13.30 1.21
C MET A 22 3.43 -13.30 2.38
N ALA A 23 3.11 -12.14 2.89
CA ALA A 23 2.15 -12.08 4.03
C ALA A 23 2.17 -10.67 4.64
N ALA A 24 1.44 -9.76 4.06
CA ALA A 24 1.41 -8.37 4.61
C ALA A 24 0.24 -8.23 5.57
N LYS A 25 0.35 -7.35 6.54
CA LYS A 25 -0.76 -7.17 7.51
C LYS A 25 -0.70 -5.75 8.08
N MET A 26 -1.28 -4.80 7.40
CA MET A 26 -1.25 -3.40 7.89
C MET A 26 0.20 -2.90 7.98
N SER A 27 0.45 -1.72 7.51
CA SER A 27 1.84 -1.18 7.55
C SER A 27 1.92 -0.04 8.57
N LYS A 28 2.63 -0.25 9.65
CA LYS A 28 2.74 0.81 10.68
C LYS A 28 4.11 0.74 11.35
N LYS A 29 5.09 1.43 10.80
CA LYS A 29 6.44 1.40 11.41
C LYS A 29 7.34 2.42 10.71
N LYS A 30 7.70 2.18 9.48
CA LYS A 30 8.57 3.14 8.74
C LYS A 30 8.06 3.29 7.31
N ALA A 31 8.42 4.36 6.65
CA ALA A 31 7.96 4.57 5.25
C ALA A 31 8.21 3.30 4.44
N GLY A 32 7.81 3.27 3.20
CA GLY A 32 8.02 2.06 2.36
C GLY A 32 8.80 2.43 1.10
N ARG A 33 8.99 1.51 0.21
CA ARG A 33 9.76 1.81 -1.03
C ARG A 33 8.80 2.35 -2.10
N GLY A 34 9.26 3.23 -2.94
CA GLY A 34 8.37 3.79 -4.00
C GLY A 34 7.38 4.77 -3.37
N MET A 1 -1.01 15.92 7.95
CA MET A 1 0.15 14.99 8.09
C MET A 1 -0.14 13.99 9.20
N GLY A 2 0.02 12.72 8.94
CA GLY A 2 -0.24 11.69 9.98
C GLY A 2 -1.75 11.44 10.07
N LYS A 3 -2.44 11.60 8.98
CA LYS A 3 -3.92 11.37 9.02
C LYS A 3 -4.25 10.09 8.25
N ALA A 4 -4.09 8.95 8.88
CA ALA A 4 -4.40 7.67 8.19
C ALA A 4 -5.46 6.91 8.98
N GLU A 5 -6.61 6.67 8.39
CA GLU A 5 -7.67 5.93 9.11
C GLU A 5 -7.99 4.63 8.38
N ASN A 6 -8.21 4.70 7.10
CA ASN A 6 -8.52 3.46 6.34
C ASN A 6 -7.37 2.45 6.49
N TYR A 7 -7.66 1.18 6.41
CA TYR A 7 -6.58 0.17 6.56
C TYR A 7 -5.97 -0.12 5.19
N GLU A 8 -6.78 -0.08 4.16
CA GLU A 8 -6.25 -0.35 2.79
C GLU A 8 -5.76 0.96 2.17
N LEU A 9 -5.14 1.81 2.95
CA LEU A 9 -4.64 3.10 2.39
C LEU A 9 -3.44 2.82 1.48
N TYR A 10 -2.41 2.21 2.00
CA TYR A 10 -1.22 1.91 1.15
C TYR A 10 -1.46 0.62 0.38
N GLN A 11 -2.65 0.08 0.45
CA GLN A 11 -2.95 -1.17 -0.31
C GLN A 11 -3.47 -0.79 -1.69
N VAL A 12 -2.91 0.24 -2.25
CA VAL A 12 -3.34 0.71 -3.59
C VAL A 12 -2.23 0.44 -4.61
N GLU A 13 -2.13 -0.77 -5.08
CA GLU A 13 -1.06 -1.09 -6.07
C GLU A 13 0.27 -0.58 -5.54
N LEU A 14 0.80 -1.22 -4.53
CA LEU A 14 2.09 -0.77 -3.95
C LEU A 14 3.06 -0.41 -5.07
N GLY A 15 4.08 0.35 -4.77
CA GLY A 15 5.07 0.74 -5.82
C GLY A 15 6.28 1.40 -5.15
N PRO A 16 6.05 2.56 -4.59
CA PRO A 16 7.10 3.33 -3.91
C PRO A 16 7.37 2.75 -2.52
N GLY A 17 8.04 1.62 -2.45
CA GLY A 17 8.33 1.00 -1.13
C GLY A 17 9.74 1.40 -0.68
N PRO A 18 9.94 1.37 0.61
CA PRO A 18 11.24 1.71 1.23
C PRO A 18 12.21 0.52 1.14
N SER A 19 12.26 -0.14 0.02
CA SER A 19 13.19 -1.30 -0.11
C SER A 19 14.63 -0.83 0.11
N GLY A 20 15.31 -1.43 1.05
CA GLY A 20 16.71 -1.02 1.32
C GLY A 20 17.66 -1.80 0.40
N ASP A 21 18.80 -2.20 0.90
CA ASP A 21 19.76 -2.96 0.05
C ASP A 21 19.71 -4.44 0.43
N MET A 22 19.00 -5.24 -0.32
CA MET A 22 18.92 -6.69 0.00
C MET A 22 20.14 -7.41 -0.58
N ALA A 23 20.33 -7.33 -1.87
CA ALA A 23 21.50 -8.01 -2.49
C ALA A 23 21.31 -9.53 -2.40
N ALA A 24 20.85 -10.15 -3.45
CA ALA A 24 20.65 -11.62 -3.41
C ALA A 24 19.43 -11.95 -2.55
N LYS A 25 19.03 -13.19 -2.51
CA LYS A 25 17.84 -13.57 -1.68
C LYS A 25 16.59 -12.94 -2.27
N MET A 26 15.86 -13.68 -3.07
CA MET A 26 14.62 -13.11 -3.68
C MET A 26 13.52 -14.18 -3.66
N SER A 27 12.78 -14.26 -2.59
CA SER A 27 11.69 -15.28 -2.53
C SER A 27 10.35 -14.56 -2.40
N LYS A 28 9.52 -14.64 -3.42
CA LYS A 28 8.20 -13.97 -3.36
C LYS A 28 8.40 -12.45 -3.29
N LYS A 29 7.62 -11.71 -4.02
CA LYS A 29 7.77 -10.22 -4.00
C LYS A 29 6.58 -9.59 -3.28
N LYS A 30 5.92 -10.34 -2.44
CA LYS A 30 4.75 -9.78 -1.71
C LYS A 30 5.22 -9.10 -0.42
N ALA A 31 4.40 -8.29 0.18
CA ALA A 31 4.81 -7.60 1.44
C ALA A 31 4.48 -8.48 2.63
N GLY A 32 5.41 -9.29 3.06
CA GLY A 32 5.14 -10.18 4.23
C GLY A 32 4.87 -11.60 3.74
N ARG A 33 4.43 -12.46 4.62
CA ARG A 33 4.14 -13.87 4.20
C ARG A 33 3.63 -14.65 5.41
N GLY A 34 2.57 -15.41 5.22
CA GLY A 34 2.02 -16.20 6.35
C GLY A 34 1.28 -15.28 7.32
N MET A 1 -16.08 -7.68 1.04
CA MET A 1 -15.23 -8.38 2.05
C MET A 1 -15.04 -7.47 3.27
N GLY A 2 -16.10 -7.16 3.95
CA GLY A 2 -15.98 -6.26 5.15
C GLY A 2 -16.06 -7.11 6.43
N LYS A 3 -15.06 -7.90 6.69
CA LYS A 3 -15.07 -8.75 7.91
C LYS A 3 -14.83 -7.87 9.14
N ALA A 4 -14.20 -6.74 8.96
CA ALA A 4 -13.93 -5.84 10.12
C ALA A 4 -13.64 -4.43 9.60
N GLU A 5 -13.24 -3.55 10.48
CA GLU A 5 -12.94 -2.16 10.04
C GLU A 5 -11.44 -2.03 9.73
N ASN A 6 -11.08 -2.13 8.47
CA ASN A 6 -9.64 -2.02 8.11
C ASN A 6 -9.38 -0.66 7.45
N TYR A 7 -8.14 -0.31 7.26
CA TYR A 7 -7.81 0.99 6.63
C TYR A 7 -7.73 0.81 5.11
N GLU A 8 -6.79 0.03 4.65
CA GLU A 8 -6.65 -0.18 3.18
C GLU A 8 -6.29 1.13 2.51
N LEU A 9 -5.14 1.66 2.80
CA LEU A 9 -4.71 2.94 2.17
C LEU A 9 -3.43 2.73 1.38
N TYR A 10 -2.45 2.08 1.97
CA TYR A 10 -1.18 1.83 1.26
C TYR A 10 -1.31 0.58 0.39
N GLN A 11 -2.51 0.09 0.24
CA GLN A 11 -2.70 -1.13 -0.61
C GLN A 11 -2.98 -0.67 -2.05
N VAL A 12 -2.38 0.43 -2.42
CA VAL A 12 -2.59 0.96 -3.79
C VAL A 12 -1.30 0.80 -4.61
N GLU A 13 -1.03 -0.40 -5.07
CA GLU A 13 0.20 -0.63 -5.87
C GLU A 13 1.41 -0.09 -5.09
N LEU A 14 1.69 -0.64 -3.95
CA LEU A 14 2.85 -0.15 -3.16
C LEU A 14 4.06 0.02 -4.07
N GLY A 15 5.07 0.71 -3.59
CA GLY A 15 6.28 0.93 -4.43
C GLY A 15 6.79 -0.42 -4.96
N PRO A 16 7.67 -1.02 -4.21
CA PRO A 16 8.26 -2.32 -4.57
C PRO A 16 7.30 -3.45 -4.24
N GLY A 17 7.82 -4.64 -4.23
CA GLY A 17 6.97 -5.82 -3.92
C GLY A 17 7.54 -7.06 -4.63
N PRO A 18 7.02 -7.35 -5.79
CA PRO A 18 7.45 -8.50 -6.59
C PRO A 18 8.77 -8.18 -7.31
N SER A 19 9.05 -6.93 -7.54
CA SER A 19 10.32 -6.56 -8.23
C SER A 19 10.62 -5.08 -8.00
N GLY A 20 11.55 -4.53 -8.71
CA GLY A 20 11.89 -3.09 -8.53
C GLY A 20 10.72 -2.22 -9.01
N ASP A 21 10.83 -1.66 -10.18
CA ASP A 21 9.73 -0.81 -10.71
C ASP A 21 9.74 0.53 -9.98
N MET A 22 10.50 1.48 -10.46
CA MET A 22 10.54 2.81 -9.80
C MET A 22 9.36 3.67 -10.30
N ALA A 23 9.12 3.66 -11.58
CA ALA A 23 7.98 4.46 -12.12
C ALA A 23 7.64 3.96 -13.53
N ALA A 24 6.95 2.87 -13.63
CA ALA A 24 6.59 2.33 -14.97
C ALA A 24 5.21 2.86 -15.39
N LYS A 25 5.18 3.88 -16.21
CA LYS A 25 3.88 4.44 -16.65
C LYS A 25 3.06 4.84 -15.43
N MET A 26 3.47 5.87 -14.73
CA MET A 26 2.70 6.32 -13.53
C MET A 26 1.22 6.42 -13.88
N SER A 27 0.41 5.56 -13.31
CA SER A 27 -1.05 5.61 -13.61
C SER A 27 -1.84 5.27 -12.34
N LYS A 28 -2.95 5.93 -12.13
CA LYS A 28 -3.76 5.64 -10.92
C LYS A 28 -5.22 6.01 -11.18
N LYS A 29 -6.12 5.11 -10.92
CA LYS A 29 -7.57 5.40 -11.17
C LYS A 29 -7.80 5.61 -12.66
N LYS A 30 -8.64 4.81 -13.26
CA LYS A 30 -8.91 4.96 -14.71
C LYS A 30 -9.88 3.87 -15.16
N ALA A 31 -9.73 2.68 -14.62
CA ALA A 31 -10.65 1.57 -15.02
C ALA A 31 -11.83 1.53 -14.06
N GLY A 32 -11.61 1.83 -12.81
CA GLY A 32 -12.72 1.81 -11.82
C GLY A 32 -12.45 2.85 -10.72
N ARG A 33 -13.39 3.03 -9.84
CA ARG A 33 -13.19 4.03 -8.74
C ARG A 33 -12.85 3.30 -7.44
N GLY A 34 -12.02 2.30 -7.51
CA GLY A 34 -11.65 1.56 -6.27
C GLY A 34 -11.28 0.11 -6.63
N MET A 1 -22.06 -7.19 -4.39
CA MET A 1 -22.40 -8.43 -3.64
C MET A 1 -21.13 -9.20 -3.32
N GLY A 2 -20.92 -9.54 -2.07
CA GLY A 2 -19.69 -10.29 -1.69
C GLY A 2 -18.80 -9.41 -0.81
N LYS A 3 -18.53 -9.85 0.40
CA LYS A 3 -17.67 -9.04 1.30
C LYS A 3 -18.31 -7.66 1.53
N ALA A 4 -17.65 -6.81 2.26
CA ALA A 4 -18.22 -5.46 2.51
C ALA A 4 -17.08 -4.43 2.50
N GLU A 5 -16.27 -4.43 3.52
CA GLU A 5 -15.14 -3.46 3.56
C GLU A 5 -13.88 -4.13 3.00
N ASN A 6 -12.99 -3.36 2.42
CA ASN A 6 -11.76 -3.97 1.84
C ASN A 6 -10.65 -2.92 1.80
N TYR A 7 -10.92 -1.76 1.28
CA TYR A 7 -9.88 -0.70 1.19
C TYR A 7 -9.05 -0.65 2.48
N GLU A 8 -7.94 0.01 2.43
CA GLU A 8 -7.07 0.11 3.64
C GLU A 8 -6.17 1.35 3.54
N LEU A 9 -4.94 1.19 3.16
CA LEU A 9 -4.02 2.36 3.05
C LEU A 9 -3.37 2.35 1.67
N TYR A 10 -2.07 2.50 1.58
CA TYR A 10 -1.40 2.50 0.26
C TYR A 10 -1.47 1.11 -0.38
N GLN A 11 -2.05 0.14 0.29
CA GLN A 11 -2.16 -1.21 -0.30
C GLN A 11 -3.49 -1.31 -1.04
N VAL A 12 -3.93 -0.21 -1.58
CA VAL A 12 -5.22 -0.18 -2.31
C VAL A 12 -4.97 -0.11 -3.81
N GLU A 13 -5.04 -1.22 -4.49
CA GLU A 13 -4.80 -1.20 -5.97
C GLU A 13 -3.52 -0.43 -6.27
N LEU A 14 -2.57 -0.46 -5.36
CA LEU A 14 -1.30 0.28 -5.59
C LEU A 14 -0.74 -0.08 -6.97
N GLY A 15 0.38 0.50 -7.33
CA GLY A 15 0.97 0.20 -8.67
C GLY A 15 2.40 -0.30 -8.50
N PRO A 16 3.30 0.60 -8.23
CA PRO A 16 4.72 0.29 -8.03
C PRO A 16 4.96 -0.31 -6.64
N GLY A 17 4.69 -1.58 -6.49
CA GLY A 17 4.91 -2.24 -5.17
C GLY A 17 6.18 -3.08 -5.24
N PRO A 18 6.20 -4.14 -4.47
CA PRO A 18 7.35 -5.05 -4.41
C PRO A 18 7.34 -5.98 -5.63
N SER A 19 6.19 -6.35 -6.11
CA SER A 19 6.11 -7.24 -7.30
C SER A 19 5.30 -6.54 -8.40
N GLY A 20 5.36 -7.04 -9.59
CA GLY A 20 4.59 -6.40 -10.70
C GLY A 20 3.75 -7.44 -11.43
N ASP A 21 4.25 -7.95 -12.53
CA ASP A 21 3.48 -8.97 -13.29
C ASP A 21 3.75 -10.37 -12.71
N MET A 22 3.72 -10.51 -11.42
CA MET A 22 3.97 -11.84 -10.81
C MET A 22 2.86 -12.81 -11.26
N ALA A 23 3.20 -14.05 -11.47
CA ALA A 23 2.16 -15.03 -11.91
C ALA A 23 2.48 -16.42 -11.34
N ALA A 24 2.06 -16.68 -10.14
CA ALA A 24 2.34 -18.01 -9.52
C ALA A 24 1.02 -18.68 -9.12
N LYS A 25 -0.08 -18.19 -9.63
CA LYS A 25 -1.40 -18.79 -9.28
C LYS A 25 -2.45 -18.31 -10.28
N MET A 26 -2.46 -18.86 -11.46
CA MET A 26 -3.47 -18.42 -12.47
C MET A 26 -3.76 -19.59 -13.42
N SER A 27 -5.01 -19.79 -13.75
CA SER A 27 -5.36 -20.91 -14.66
C SER A 27 -5.26 -20.43 -16.12
N LYS A 28 -5.54 -21.30 -17.06
CA LYS A 28 -5.46 -20.89 -18.48
C LYS A 28 -6.56 -21.61 -19.27
N LYS A 29 -7.74 -21.04 -19.31
CA LYS A 29 -8.86 -21.68 -20.06
C LYS A 29 -9.89 -20.63 -20.43
N LYS A 30 -9.50 -19.63 -21.18
CA LYS A 30 -10.47 -18.57 -21.57
C LYS A 30 -11.25 -19.02 -22.81
N ALA A 31 -10.69 -19.93 -23.56
CA ALA A 31 -11.39 -20.42 -24.78
C ALA A 31 -11.60 -19.25 -25.74
N GLY A 32 -11.70 -19.53 -27.02
CA GLY A 32 -11.91 -18.44 -28.01
C GLY A 32 -11.88 -19.01 -29.42
N ARG A 33 -13.01 -19.41 -29.94
CA ARG A 33 -13.04 -19.98 -31.32
C ARG A 33 -11.93 -21.03 -31.46
N GLY A 34 -11.51 -21.61 -30.37
CA GLY A 34 -10.44 -22.64 -30.45
C GLY A 34 -10.42 -23.45 -29.16
N MET A 1 -26.86 0.57 9.02
CA MET A 1 -27.19 1.98 8.64
C MET A 1 -25.93 2.85 8.76
N GLY A 2 -24.79 2.23 8.79
CA GLY A 2 -23.53 3.02 8.90
C GLY A 2 -22.33 2.07 8.99
N LYS A 3 -21.23 2.42 8.40
CA LYS A 3 -20.04 1.53 8.46
C LYS A 3 -18.78 2.37 8.66
N ALA A 4 -17.72 1.78 9.11
CA ALA A 4 -16.46 2.54 9.33
C ALA A 4 -15.33 1.57 9.70
N GLU A 5 -15.00 0.66 8.84
CA GLU A 5 -13.91 -0.30 9.15
C GLU A 5 -13.20 -0.71 7.86
N ASN A 6 -12.56 0.23 7.20
CA ASN A 6 -11.85 -0.10 5.94
C ASN A 6 -10.59 0.77 5.82
N TYR A 7 -9.44 0.18 5.91
CA TYR A 7 -8.18 0.99 5.80
C TYR A 7 -7.67 0.93 4.37
N GLU A 8 -7.03 -0.15 4.00
CA GLU A 8 -6.50 -0.28 2.61
C GLU A 8 -5.86 1.04 2.18
N LEU A 9 -5.09 1.65 3.03
CA LEU A 9 -4.45 2.94 2.67
C LEU A 9 -3.42 2.70 1.56
N TYR A 10 -2.21 2.36 1.90
CA TYR A 10 -1.18 2.11 0.85
C TYR A 10 -1.43 0.78 0.15
N GLN A 11 -2.49 0.09 0.49
CA GLN A 11 -2.78 -1.21 -0.18
C GLN A 11 -3.72 -0.94 -1.35
N VAL A 12 -3.58 0.20 -1.97
CA VAL A 12 -4.46 0.56 -3.11
C VAL A 12 -3.71 0.37 -4.43
N GLU A 13 -3.74 -0.82 -4.97
CA GLU A 13 -3.04 -1.08 -6.25
C GLU A 13 -1.64 -0.45 -6.20
N LEU A 14 -0.91 -0.69 -5.14
CA LEU A 14 0.45 -0.11 -5.03
C LEU A 14 1.21 -0.34 -6.33
N GLY A 15 2.14 0.53 -6.65
CA GLY A 15 2.92 0.36 -7.90
C GLY A 15 4.36 -0.03 -7.55
N PRO A 16 5.02 -0.66 -8.49
CA PRO A 16 6.42 -1.10 -8.32
C PRO A 16 7.38 0.08 -8.48
N GLY A 17 7.57 0.85 -7.44
CA GLY A 17 8.50 2.01 -7.53
C GLY A 17 9.46 1.99 -6.34
N PRO A 18 10.48 2.80 -6.43
CA PRO A 18 11.51 2.90 -5.38
C PRO A 18 10.99 3.77 -4.22
N SER A 19 10.32 4.85 -4.53
CA SER A 19 9.79 5.73 -3.45
C SER A 19 8.45 5.19 -2.95
N GLY A 20 8.14 5.40 -1.70
CA GLY A 20 6.84 4.90 -1.16
C GLY A 20 6.53 5.59 0.16
N ASP A 21 5.63 5.04 0.94
CA ASP A 21 5.28 5.66 2.24
C ASP A 21 4.73 7.08 1.99
N MET A 22 3.52 7.33 2.45
CA MET A 22 2.92 8.68 2.24
C MET A 22 3.16 9.54 3.48
N ALA A 23 4.31 10.15 3.58
CA ALA A 23 4.60 11.01 4.76
C ALA A 23 4.91 12.43 4.30
N ALA A 24 3.96 13.08 3.69
CA ALA A 24 4.20 14.47 3.20
C ALA A 24 2.89 15.08 2.70
N LYS A 25 2.07 14.30 2.05
CA LYS A 25 0.78 14.83 1.54
C LYS A 25 -0.36 13.91 1.96
N MET A 26 -0.60 13.79 3.24
CA MET A 26 -1.70 12.91 3.71
C MET A 26 -2.90 13.77 4.10
N SER A 27 -4.01 13.15 4.41
CA SER A 27 -5.22 13.93 4.79
C SER A 27 -6.24 13.01 5.44
N LYS A 28 -7.37 13.55 5.85
CA LYS A 28 -8.41 12.70 6.50
C LYS A 28 -9.37 12.17 5.43
N LYS A 29 -9.19 10.94 5.02
CA LYS A 29 -10.09 10.36 3.98
C LYS A 29 -10.64 9.02 4.48
N LYS A 30 -11.94 8.86 4.46
CA LYS A 30 -12.53 7.58 4.94
C LYS A 30 -13.02 6.77 3.74
N ALA A 31 -13.83 5.77 3.97
CA ALA A 31 -14.34 4.93 2.85
C ALA A 31 -14.93 5.85 1.77
N GLY A 32 -14.15 6.27 0.82
CA GLY A 32 -14.68 7.15 -0.25
C GLY A 32 -14.24 6.62 -1.62
N ARG A 33 -14.90 7.02 -2.66
CA ARG A 33 -14.52 6.55 -4.02
C ARG A 33 -14.60 7.71 -5.01
N GLY A 34 -13.47 8.18 -5.47
CA GLY A 34 -13.48 9.32 -6.44
C GLY A 34 -14.31 10.47 -5.87
N MET A 1 -7.36 -10.60 -1.28
CA MET A 1 -7.31 -11.16 0.10
C MET A 1 -6.03 -11.98 0.28
N GLY A 2 -4.91 -11.46 -0.15
CA GLY A 2 -3.63 -12.21 0.00
C GLY A 2 -2.92 -11.75 1.26
N LYS A 3 -1.62 -11.89 1.31
CA LYS A 3 -0.87 -11.46 2.52
C LYS A 3 -0.67 -9.94 2.49
N ALA A 4 -1.40 -9.22 3.28
CA ALA A 4 -1.26 -7.73 3.30
C ALA A 4 -1.78 -7.19 4.63
N GLU A 5 -1.27 -6.06 5.06
CA GLU A 5 -1.73 -5.49 6.34
C GLU A 5 -2.71 -4.34 6.07
N ASN A 6 -2.24 -3.28 5.48
CA ASN A 6 -3.13 -2.12 5.18
C ASN A 6 -4.07 -2.47 4.03
N TYR A 7 -5.34 -2.63 4.30
CA TYR A 7 -6.30 -2.97 3.22
C TYR A 7 -6.88 -1.67 2.63
N GLU A 8 -6.97 -0.65 3.43
CA GLU A 8 -7.53 0.65 2.93
C GLU A 8 -6.44 1.71 2.92
N LEU A 9 -5.20 1.32 3.03
CA LEU A 9 -4.09 2.32 3.04
C LEU A 9 -3.39 2.29 1.68
N TYR A 10 -2.08 2.44 1.67
CA TYR A 10 -1.35 2.44 0.37
C TYR A 10 -1.45 1.06 -0.30
N GLN A 11 -2.02 0.09 0.37
CA GLN A 11 -2.15 -1.27 -0.25
C GLN A 11 -3.48 -1.31 -0.98
N VAL A 12 -3.82 -0.24 -1.65
CA VAL A 12 -5.11 -0.18 -2.38
C VAL A 12 -4.84 -0.10 -3.89
N GLU A 13 -4.67 -1.23 -4.52
CA GLU A 13 -4.40 -1.21 -5.99
C GLU A 13 -3.34 -0.15 -6.29
N LEU A 14 -2.10 -0.45 -5.98
CA LEU A 14 -1.02 0.55 -6.23
C LEU A 14 -1.20 1.18 -7.62
N GLY A 15 -0.47 2.21 -7.91
CA GLY A 15 -0.60 2.87 -9.24
C GLY A 15 0.77 3.39 -9.69
N PRO A 16 0.81 3.93 -10.89
CA PRO A 16 2.04 4.47 -11.48
C PRO A 16 2.35 5.86 -10.90
N GLY A 17 3.04 5.90 -9.79
CA GLY A 17 3.37 7.22 -9.18
C GLY A 17 2.08 7.96 -8.81
N PRO A 18 1.58 7.69 -7.64
CA PRO A 18 0.35 8.32 -7.14
C PRO A 18 0.63 9.74 -6.63
N SER A 19 1.33 9.86 -5.54
CA SER A 19 1.63 11.22 -5.00
C SER A 19 2.55 11.10 -3.78
N GLY A 20 3.83 11.20 -3.99
CA GLY A 20 4.78 11.09 -2.84
C GLY A 20 6.03 10.33 -3.28
N ASP A 21 6.47 9.38 -2.50
CA ASP A 21 7.68 8.60 -2.87
C ASP A 21 7.30 7.47 -3.82
N MET A 22 8.26 6.72 -4.28
CA MET A 22 7.94 5.60 -5.23
C MET A 22 8.85 4.41 -4.93
N ALA A 23 8.95 3.49 -5.84
CA ALA A 23 9.81 2.30 -5.61
C ALA A 23 9.55 1.74 -4.20
N ALA A 24 8.42 1.13 -4.00
CA ALA A 24 8.12 0.56 -2.66
C ALA A 24 7.83 -0.93 -2.79
N LYS A 25 8.81 -1.70 -3.17
CA LYS A 25 8.60 -3.18 -3.32
C LYS A 25 9.91 -3.91 -3.04
N MET A 26 10.24 -4.10 -1.80
CA MET A 26 11.51 -4.80 -1.45
C MET A 26 11.36 -5.48 -0.09
N SER A 27 11.42 -6.79 -0.06
CA SER A 27 11.28 -7.50 1.24
C SER A 27 11.75 -8.95 1.09
N LYS A 28 12.67 -9.38 1.93
CA LYS A 28 13.17 -10.77 1.83
C LYS A 28 12.87 -11.50 3.14
N LYS A 29 12.48 -12.75 3.07
CA LYS A 29 12.17 -13.50 4.32
C LYS A 29 12.58 -14.97 4.14
N LYS A 30 12.16 -15.59 3.06
CA LYS A 30 12.52 -17.01 2.84
C LYS A 30 12.07 -17.44 1.44
N ALA A 31 12.78 -17.01 0.43
CA ALA A 31 12.41 -17.40 -0.96
C ALA A 31 13.21 -16.56 -1.96
N GLY A 32 14.49 -16.81 -2.07
CA GLY A 32 15.32 -16.03 -3.02
C GLY A 32 14.87 -16.33 -4.45
N ARG A 33 14.29 -15.37 -5.12
CA ARG A 33 13.83 -15.59 -6.51
C ARG A 33 14.82 -14.95 -7.49
N GLY A 34 15.17 -15.64 -8.54
CA GLY A 34 16.13 -15.08 -9.53
C GLY A 34 17.55 -15.57 -9.20
N MET A 1 -12.93 -14.59 8.31
CA MET A 1 -13.84 -15.42 7.46
C MET A 1 -14.46 -14.54 6.37
N GLY A 2 -13.66 -13.79 5.67
CA GLY A 2 -14.20 -12.91 4.60
C GLY A 2 -13.26 -11.73 4.37
N LYS A 3 -13.82 -10.56 4.14
CA LYS A 3 -12.95 -9.37 3.92
C LYS A 3 -13.69 -8.11 4.38
N ALA A 4 -12.98 -7.10 4.78
CA ALA A 4 -13.64 -5.86 5.26
C ALA A 4 -12.79 -4.65 4.86
N GLU A 5 -13.28 -3.83 3.96
CA GLU A 5 -12.50 -2.64 3.52
C GLU A 5 -12.57 -1.57 4.61
N ASN A 6 -11.74 -1.68 5.62
CA ASN A 6 -11.77 -0.67 6.71
C ASN A 6 -10.46 0.13 6.70
N TYR A 7 -9.36 -0.54 6.54
CA TYR A 7 -8.05 0.17 6.52
C TYR A 7 -7.81 0.74 5.13
N GLU A 8 -7.63 -0.12 4.15
CA GLU A 8 -7.39 0.36 2.76
C GLU A 8 -6.36 1.49 2.79
N LEU A 9 -5.12 1.17 3.02
CA LEU A 9 -4.06 2.21 3.05
C LEU A 9 -3.37 2.27 1.69
N TYR A 10 -2.07 2.42 1.66
CA TYR A 10 -1.35 2.48 0.35
C TYR A 10 -1.39 1.12 -0.35
N GLN A 11 -1.97 0.13 0.29
CA GLN A 11 -2.07 -1.20 -0.37
C GLN A 11 -3.39 -1.24 -1.15
N VAL A 12 -3.78 -0.11 -1.68
CA VAL A 12 -5.05 -0.02 -2.44
C VAL A 12 -4.75 0.02 -3.93
N GLU A 13 -4.45 -1.10 -4.52
CA GLU A 13 -4.16 -1.12 -5.98
C GLU A 13 -3.00 -0.15 -6.26
N LEU A 14 -1.84 -0.44 -5.73
CA LEU A 14 -0.67 0.45 -5.95
C LEU A 14 -0.54 0.80 -7.44
N GLY A 15 0.43 1.59 -7.79
CA GLY A 15 0.61 1.96 -9.22
C GLY A 15 1.97 2.66 -9.40
N PRO A 16 2.97 1.90 -9.76
CA PRO A 16 4.33 2.40 -9.96
C PRO A 16 4.46 3.11 -11.31
N GLY A 17 4.15 4.37 -11.37
CA GLY A 17 4.28 5.11 -12.65
C GLY A 17 2.91 5.17 -13.35
N PRO A 18 2.07 6.05 -12.88
CA PRO A 18 0.72 6.24 -13.45
C PRO A 18 0.78 7.06 -14.74
N SER A 19 1.21 8.29 -14.65
CA SER A 19 1.29 9.15 -15.86
C SER A 19 2.45 8.69 -16.74
N GLY A 20 2.15 8.23 -17.93
CA GLY A 20 3.25 7.77 -18.84
C GLY A 20 4.01 6.61 -18.20
N ASP A 21 4.99 6.09 -18.89
CA ASP A 21 5.78 4.96 -18.33
C ASP A 21 7.27 5.27 -18.43
N MET A 22 7.68 6.39 -17.89
CA MET A 22 9.13 6.76 -17.96
C MET A 22 9.64 7.04 -16.54
N ALA A 23 9.53 6.10 -15.66
CA ALA A 23 10.00 6.32 -14.26
C ALA A 23 9.58 5.14 -13.39
N ALA A 24 10.35 4.09 -13.37
CA ALA A 24 10.00 2.91 -12.53
C ALA A 24 9.67 3.39 -11.11
N LYS A 25 10.60 4.03 -10.46
CA LYS A 25 10.34 4.52 -9.08
C LYS A 25 9.78 3.38 -8.22
N MET A 26 10.62 2.51 -7.76
CA MET A 26 10.14 1.38 -6.92
C MET A 26 11.05 1.24 -5.69
N SER A 27 10.65 0.45 -4.73
CA SER A 27 11.48 0.28 -3.51
C SER A 27 11.48 1.58 -2.71
N LYS A 28 12.19 1.61 -1.61
CA LYS A 28 12.23 2.84 -0.78
C LYS A 28 10.86 3.06 -0.12
N LYS A 29 10.80 3.90 0.88
CA LYS A 29 9.49 4.14 1.56
C LYS A 29 9.29 5.66 1.73
N LYS A 30 8.10 6.07 2.06
CA LYS A 30 7.84 7.53 2.23
C LYS A 30 6.42 7.73 2.79
N ALA A 31 6.18 7.32 4.01
CA ALA A 31 4.83 7.48 4.61
C ALA A 31 4.42 8.95 4.51
N GLY A 32 3.29 9.22 3.91
CA GLY A 32 2.82 10.64 3.79
C GLY A 32 1.29 10.68 3.82
N ARG A 33 0.71 10.50 4.98
CA ARG A 33 -0.77 10.53 5.07
C ARG A 33 -1.28 11.92 4.67
N GLY A 34 -0.86 12.94 5.35
CA GLY A 34 -1.32 14.32 5.01
C GLY A 34 -0.12 15.26 4.94
N MET A 1 -9.26 4.33 13.15
CA MET A 1 -9.77 4.69 14.51
C MET A 1 -11.02 3.87 14.81
N GLY A 2 -11.10 3.30 15.98
CA GLY A 2 -12.29 2.49 16.34
C GLY A 2 -12.28 1.18 15.54
N LYS A 3 -13.27 0.35 15.74
CA LYS A 3 -13.31 -0.94 14.98
C LYS A 3 -14.33 -0.83 13.85
N ALA A 4 -14.01 -0.07 12.83
CA ALA A 4 -14.96 0.08 11.69
C ALA A 4 -14.30 -0.48 10.42
N GLU A 5 -13.63 -1.60 10.52
CA GLU A 5 -12.98 -2.18 9.32
C GLU A 5 -11.87 -1.26 8.84
N ASN A 6 -10.79 -1.81 8.34
CA ASN A 6 -9.66 -0.95 7.85
C ASN A 6 -9.85 -0.69 6.37
N TYR A 7 -9.36 0.43 5.89
CA TYR A 7 -9.50 0.75 4.43
C TYR A 7 -8.26 0.27 3.69
N GLU A 8 -7.13 0.26 4.34
CA GLU A 8 -5.88 -0.19 3.66
C GLU A 8 -5.52 0.79 2.55
N LEU A 9 -5.30 2.03 2.90
CA LEU A 9 -4.92 3.05 1.87
C LEU A 9 -3.51 2.78 1.38
N TYR A 10 -2.81 1.86 2.00
CA TYR A 10 -1.42 1.56 1.58
C TYR A 10 -1.45 0.48 0.49
N GLN A 11 -2.60 -0.06 0.20
CA GLN A 11 -2.69 -1.10 -0.87
C GLN A 11 -2.94 -0.39 -2.20
N VAL A 12 -2.27 0.70 -2.42
CA VAL A 12 -2.45 1.47 -3.66
C VAL A 12 -1.17 1.41 -4.50
N GLU A 13 -1.09 0.49 -5.41
CA GLU A 13 0.13 0.38 -6.26
C GLU A 13 1.37 0.53 -5.38
N LEU A 14 1.45 -0.24 -4.33
CA LEU A 14 2.62 -0.17 -3.42
C LEU A 14 3.90 -0.39 -4.23
N GLY A 15 5.04 -0.36 -3.57
CA GLY A 15 6.32 -0.57 -4.30
C GLY A 15 7.49 -0.24 -3.36
N PRO A 16 7.57 1.01 -2.99
CA PRO A 16 8.62 1.51 -2.08
C PRO A 16 8.31 1.10 -0.64
N GLY A 17 8.64 -0.11 -0.27
CA GLY A 17 8.35 -0.56 1.12
C GLY A 17 9.26 0.20 2.10
N PRO A 18 9.20 -0.20 3.34
CA PRO A 18 10.00 0.41 4.42
C PRO A 18 11.45 -0.08 4.36
N SER A 19 11.66 -1.36 4.57
CA SER A 19 13.05 -1.90 4.53
C SER A 19 13.11 -3.05 3.53
N GLY A 20 12.23 -3.08 2.57
CA GLY A 20 12.25 -4.18 1.57
C GLY A 20 10.94 -4.18 0.78
N ASP A 21 10.51 -5.34 0.35
CA ASP A 21 9.23 -5.42 -0.42
C ASP A 21 8.39 -6.58 0.11
N MET A 22 8.86 -7.78 -0.04
CA MET A 22 8.08 -8.96 0.45
C MET A 22 8.31 -9.13 1.95
N ALA A 23 7.34 -9.66 2.65
CA ALA A 23 7.50 -9.86 4.12
C ALA A 23 6.18 -10.34 4.72
N ALA A 24 5.78 -11.54 4.42
CA ALA A 24 4.50 -12.06 4.97
C ALA A 24 3.34 -11.22 4.43
N LYS A 25 2.54 -11.80 3.57
CA LYS A 25 1.39 -11.04 3.00
C LYS A 25 0.48 -11.99 2.23
N MET A 26 -0.07 -12.98 2.90
CA MET A 26 -0.97 -13.95 2.21
C MET A 26 -1.96 -14.52 3.22
N SER A 27 -3.23 -14.38 2.95
CA SER A 27 -4.25 -14.92 3.91
C SER A 27 -5.46 -15.45 3.13
N LYS A 28 -6.04 -16.52 3.59
CA LYS A 28 -7.23 -17.09 2.89
C LYS A 28 -8.28 -17.49 3.93
N LYS A 29 -9.44 -16.90 3.87
CA LYS A 29 -10.51 -17.25 4.85
C LYS A 29 -10.87 -18.73 4.70
N LYS A 30 -11.85 -19.18 5.43
CA LYS A 30 -12.25 -20.62 5.34
C LYS A 30 -12.32 -21.03 3.87
N ALA A 31 -11.54 -22.03 3.51
CA ALA A 31 -11.55 -22.49 2.09
C ALA A 31 -11.81 -24.00 2.05
N GLY A 32 -12.87 -24.42 1.43
CA GLY A 32 -13.18 -25.87 1.36
C GLY A 32 -12.14 -26.57 0.49
N ARG A 33 -12.56 -27.17 -0.60
CA ARG A 33 -11.60 -27.87 -1.50
C ARG A 33 -10.52 -26.88 -1.95
N GLY A 34 -10.92 -25.68 -2.28
CA GLY A 34 -9.92 -24.68 -2.74
C GLY A 34 -10.63 -23.37 -3.08
N MET A 1 -21.39 7.88 12.75
CA MET A 1 -21.36 8.62 11.47
C MET A 1 -21.01 7.67 10.33
N GLY A 2 -21.80 7.65 9.29
CA GLY A 2 -21.51 6.73 8.14
C GLY A 2 -22.03 5.33 8.46
N LYS A 3 -21.30 4.31 8.09
CA LYS A 3 -21.76 2.93 8.38
C LYS A 3 -20.56 1.97 8.35
N ALA A 4 -19.69 2.08 9.31
CA ALA A 4 -18.50 1.17 9.34
C ALA A 4 -17.56 1.52 8.18
N GLU A 5 -16.49 0.77 8.04
CA GLU A 5 -15.53 1.05 6.94
C GLU A 5 -14.37 0.07 7.02
N ASN A 6 -13.23 0.43 6.47
CA ASN A 6 -12.06 -0.50 6.52
C ASN A 6 -10.77 0.33 6.54
N TYR A 7 -9.64 -0.33 6.48
CA TYR A 7 -8.35 0.42 6.49
C TYR A 7 -8.04 0.92 5.10
N GLU A 8 -7.77 0.03 4.19
CA GLU A 8 -7.45 0.46 2.79
C GLU A 8 -6.34 1.50 2.83
N LEU A 9 -5.12 1.09 3.07
CA LEU A 9 -4.00 2.06 3.13
C LEU A 9 -3.37 2.20 1.73
N TYR A 10 -2.09 2.39 1.66
CA TYR A 10 -1.44 2.53 0.32
C TYR A 10 -1.42 1.19 -0.41
N GLN A 11 -1.92 0.15 0.20
CA GLN A 11 -1.95 -1.18 -0.48
C GLN A 11 -3.31 -1.34 -1.13
N VAL A 12 -3.86 -0.24 -1.56
CA VAL A 12 -5.19 -0.26 -2.21
C VAL A 12 -5.02 -0.27 -3.73
N GLU A 13 -4.65 -1.40 -4.29
CA GLU A 13 -4.46 -1.47 -5.76
C GLU A 13 -3.62 -0.28 -6.22
N LEU A 14 -2.48 -0.07 -5.61
CA LEU A 14 -1.61 1.06 -6.01
C LEU A 14 -1.46 1.11 -7.53
N GLY A 15 -0.74 2.08 -8.03
CA GLY A 15 -0.56 2.17 -9.51
C GLY A 15 0.14 3.49 -9.87
N PRO A 16 -0.64 4.55 -9.87
CA PRO A 16 -0.14 5.89 -10.21
C PRO A 16 0.54 6.52 -9.00
N GLY A 17 0.76 7.80 -9.08
CA GLY A 17 1.42 8.52 -7.96
C GLY A 17 1.24 10.03 -8.16
N PRO A 18 2.13 10.78 -7.57
CA PRO A 18 2.11 12.26 -7.65
C PRO A 18 2.68 12.72 -9.00
N SER A 19 3.25 11.83 -9.76
CA SER A 19 3.83 12.22 -11.07
C SER A 19 2.73 12.85 -11.94
N GLY A 20 2.07 12.06 -12.75
CA GLY A 20 1.01 12.62 -13.62
C GLY A 20 -0.37 12.23 -13.06
N ASP A 21 -1.39 12.26 -13.87
CA ASP A 21 -2.74 11.89 -13.38
C ASP A 21 -3.25 12.98 -12.43
N MET A 22 -4.43 13.48 -12.65
CA MET A 22 -4.98 14.53 -11.74
C MET A 22 -6.05 13.92 -10.84
N ALA A 23 -6.92 13.13 -11.39
CA ALA A 23 -7.99 12.49 -10.57
C ALA A 23 -8.87 13.59 -9.96
N ALA A 24 -9.50 14.39 -10.78
CA ALA A 24 -10.37 15.46 -10.25
C ALA A 24 -11.83 15.13 -10.54
N LYS A 25 -12.63 14.99 -9.52
CA LYS A 25 -14.07 14.66 -9.73
C LYS A 25 -14.19 13.25 -10.33
N MET A 26 -13.94 12.24 -9.54
CA MET A 26 -14.05 10.85 -10.06
C MET A 26 -14.23 9.89 -8.89
N SER A 27 -15.23 9.06 -8.94
CA SER A 27 -15.46 8.09 -7.82
C SER A 27 -15.64 6.68 -8.38
N LYS A 28 -15.79 5.71 -7.51
CA LYS A 28 -15.97 4.31 -7.99
C LYS A 28 -16.83 3.56 -6.96
N LYS A 29 -17.17 2.32 -7.26
CA LYS A 29 -18.01 1.54 -6.31
C LYS A 29 -19.35 2.24 -6.11
N LYS A 30 -20.43 1.53 -6.32
CA LYS A 30 -21.77 2.16 -6.15
C LYS A 30 -22.22 2.01 -4.68
N ALA A 31 -21.31 2.12 -3.76
CA ALA A 31 -21.69 1.98 -2.32
C ALA A 31 -21.57 3.33 -1.62
N GLY A 32 -21.59 4.41 -2.37
CA GLY A 32 -21.47 5.75 -1.74
C GLY A 32 -22.06 6.81 -2.68
N ARG A 33 -21.68 6.79 -3.92
CA ARG A 33 -22.22 7.79 -4.89
C ARG A 33 -23.27 7.13 -5.78
N GLY A 34 -23.80 6.01 -5.36
CA GLY A 34 -24.82 5.32 -6.19
C GLY A 34 -26.23 5.77 -5.75
N MET A 1 -14.13 14.71 -0.88
CA MET A 1 -15.36 15.48 -0.57
C MET A 1 -16.13 14.79 0.56
N GLY A 2 -15.55 14.71 1.73
CA GLY A 2 -16.25 14.03 2.86
C GLY A 2 -16.24 12.52 2.65
N LYS A 3 -15.95 11.77 3.67
CA LYS A 3 -15.93 10.29 3.52
C LYS A 3 -14.85 9.90 2.51
N ALA A 4 -13.70 10.51 2.58
CA ALA A 4 -12.61 10.18 1.62
C ALA A 4 -11.44 9.54 2.39
N GLU A 5 -11.73 8.72 3.35
CA GLU A 5 -10.64 8.06 4.13
C GLU A 5 -10.80 6.54 4.06
N ASN A 6 -9.72 5.82 3.91
CA ASN A 6 -9.82 4.34 3.84
C ASN A 6 -8.99 3.71 4.96
N TYR A 7 -9.22 2.47 5.27
CA TYR A 7 -8.43 1.80 6.35
C TYR A 7 -7.15 1.24 5.75
N GLU A 8 -7.26 0.54 4.65
CA GLU A 8 -6.05 -0.04 4.01
C GLU A 8 -5.71 0.77 2.74
N LEU A 9 -5.36 2.01 2.90
CA LEU A 9 -5.02 2.84 1.71
C LEU A 9 -3.56 2.64 1.34
N TYR A 10 -2.90 1.69 1.95
CA TYR A 10 -1.47 1.44 1.64
C TYR A 10 -1.36 0.49 0.46
N GLN A 11 -2.46 -0.08 0.03
CA GLN A 11 -2.41 -1.02 -1.13
C GLN A 11 -2.61 -0.20 -2.40
N VAL A 12 -2.02 0.95 -2.45
CA VAL A 12 -2.17 1.83 -3.63
C VAL A 12 -0.89 1.83 -4.46
N GLU A 13 -0.65 0.78 -5.19
CA GLU A 13 0.59 0.72 -6.03
C GLU A 13 1.79 1.21 -5.20
N LEU A 14 1.88 0.78 -3.98
CA LEU A 14 3.03 1.23 -3.13
C LEU A 14 4.33 1.07 -3.92
N GLY A 15 5.33 1.86 -3.60
CA GLY A 15 6.62 1.75 -4.34
C GLY A 15 7.47 2.98 -4.05
N PRO A 16 8.73 2.90 -4.44
CA PRO A 16 9.69 4.00 -4.24
C PRO A 16 9.48 5.09 -5.29
N GLY A 17 8.52 5.95 -5.09
CA GLY A 17 8.28 7.04 -6.08
C GLY A 17 9.54 7.89 -6.22
N PRO A 18 9.49 8.81 -7.15
CA PRO A 18 10.62 9.73 -7.43
C PRO A 18 10.68 10.83 -6.37
N SER A 19 9.75 10.85 -5.46
CA SER A 19 9.75 11.89 -4.40
C SER A 19 9.45 11.25 -3.05
N GLY A 20 9.73 11.93 -1.98
CA GLY A 20 9.46 11.36 -0.63
C GLY A 20 10.40 11.99 0.39
N ASP A 21 10.73 11.28 1.44
CA ASP A 21 11.64 11.84 2.46
C ASP A 21 13.07 11.39 2.16
N MET A 22 14.05 12.04 2.75
CA MET A 22 15.47 11.65 2.49
C MET A 22 16.24 11.66 3.81
N ALA A 23 15.60 11.27 4.89
CA ALA A 23 16.31 11.27 6.20
C ALA A 23 15.99 9.96 6.94
N ALA A 24 16.34 8.85 6.36
CA ALA A 24 16.06 7.55 7.03
C ALA A 24 17.24 6.61 6.82
N LYS A 25 17.79 6.59 5.63
CA LYS A 25 18.95 5.69 5.36
C LYS A 25 18.69 4.30 5.95
N MET A 26 17.84 3.53 5.31
CA MET A 26 17.55 2.17 5.84
C MET A 26 17.01 2.27 7.27
N SER A 27 15.76 1.97 7.46
CA SER A 27 15.17 2.04 8.83
C SER A 27 14.76 0.64 9.28
N LYS A 28 15.63 -0.07 9.91
CA LYS A 28 15.30 -1.46 10.36
C LYS A 28 14.36 -1.39 11.58
N LYS A 29 13.33 -2.19 11.60
CA LYS A 29 12.38 -2.18 12.74
C LYS A 29 12.04 -0.74 13.11
N LYS A 30 11.12 -0.14 12.41
CA LYS A 30 10.73 1.26 12.72
C LYS A 30 9.85 1.27 13.98
N ALA A 31 10.34 1.83 15.06
CA ALA A 31 9.54 1.86 16.31
C ALA A 31 9.44 3.29 16.84
N GLY A 32 8.49 3.55 17.69
CA GLY A 32 8.35 4.93 18.24
C GLY A 32 6.92 5.11 18.78
N ARG A 33 6.50 6.34 18.95
CA ARG A 33 5.11 6.58 19.46
C ARG A 33 4.39 7.55 18.53
N GLY A 34 3.76 7.04 17.51
CA GLY A 34 3.04 7.94 16.56
C GLY A 34 3.80 8.01 15.24
N MET A 1 -3.37 12.97 1.73
CA MET A 1 -2.59 13.88 2.61
C MET A 1 -3.54 14.59 3.57
N GLY A 2 -3.28 14.49 4.85
CA GLY A 2 -4.16 15.17 5.84
C GLY A 2 -4.87 14.11 6.70
N LYS A 3 -4.23 13.64 7.73
CA LYS A 3 -4.86 12.61 8.60
C LYS A 3 -4.89 11.27 7.88
N ALA A 4 -3.80 10.91 7.23
CA ALA A 4 -3.75 9.61 6.51
C ALA A 4 -3.48 8.48 7.50
N GLU A 5 -4.47 7.67 7.76
CA GLU A 5 -4.26 6.54 8.72
C GLU A 5 -5.35 5.47 8.51
N ASN A 6 -5.54 5.06 7.28
CA ASN A 6 -6.58 4.03 7.01
C ASN A 6 -5.93 2.64 6.99
N TYR A 7 -6.68 1.61 6.71
CA TYR A 7 -6.10 0.24 6.70
C TYR A 7 -5.69 -0.13 5.27
N GLU A 8 -6.58 0.03 4.32
CA GLU A 8 -6.25 -0.33 2.92
C GLU A 8 -5.76 0.90 2.16
N LEU A 9 -5.23 1.87 2.85
CA LEU A 9 -4.73 3.09 2.17
C LEU A 9 -3.45 2.76 1.41
N TYR A 10 -2.50 2.12 2.05
CA TYR A 10 -1.24 1.78 1.37
C TYR A 10 -1.46 0.59 0.43
N GLN A 11 -2.63 0.01 0.46
CA GLN A 11 -2.91 -1.14 -0.46
C GLN A 11 -3.43 -0.58 -1.78
N VAL A 12 -2.79 0.45 -2.26
CA VAL A 12 -3.22 1.09 -3.51
C VAL A 12 -2.11 0.97 -4.56
N GLU A 13 -1.99 -0.18 -5.18
CA GLU A 13 -0.92 -0.36 -6.19
C GLU A 13 0.41 0.10 -5.62
N LEU A 14 0.99 -0.69 -4.75
CA LEU A 14 2.29 -0.30 -4.14
C LEU A 14 3.26 0.11 -5.25
N GLY A 15 4.05 1.14 -5.03
CA GLY A 15 5.02 1.58 -6.07
C GLY A 15 4.78 3.05 -6.39
N PRO A 16 4.00 3.29 -7.42
CA PRO A 16 3.67 4.65 -7.87
C PRO A 16 2.60 5.28 -6.96
N GLY A 17 2.97 5.68 -5.78
CA GLY A 17 1.97 6.29 -4.86
C GLY A 17 2.01 7.82 -5.00
N PRO A 18 1.56 8.49 -3.98
CA PRO A 18 1.53 9.96 -3.94
C PRO A 18 2.92 10.52 -3.64
N SER A 19 3.79 9.72 -3.09
CA SER A 19 5.16 10.19 -2.76
C SER A 19 6.13 9.69 -3.82
N GLY A 20 6.19 10.34 -4.95
CA GLY A 20 7.14 9.89 -6.02
C GLY A 20 7.45 11.06 -6.95
N ASP A 21 6.46 11.56 -7.65
CA ASP A 21 6.71 12.71 -8.56
C ASP A 21 7.13 13.93 -7.75
N MET A 22 8.40 14.20 -7.68
CA MET A 22 8.88 15.37 -6.91
C MET A 22 8.33 16.66 -7.54
N ALA A 23 8.34 17.75 -6.82
CA ALA A 23 7.82 19.02 -7.38
C ALA A 23 7.91 20.12 -6.32
N ALA A 24 8.93 20.92 -6.37
CA ALA A 24 9.08 22.01 -5.36
C ALA A 24 8.21 23.19 -5.76
N LYS A 25 6.96 23.19 -5.36
CA LYS A 25 6.05 24.32 -5.71
C LYS A 25 6.07 24.53 -7.23
N MET A 26 5.40 23.68 -7.96
CA MET A 26 5.37 23.83 -9.45
C MET A 26 3.99 24.30 -9.89
N SER A 27 3.72 24.27 -11.17
CA SER A 27 2.38 24.71 -11.66
C SER A 27 2.04 26.07 -11.04
N LYS A 28 2.65 27.12 -11.52
CA LYS A 28 2.34 28.47 -10.97
C LYS A 28 1.53 29.27 -12.00
N LYS A 29 0.24 29.08 -12.02
CA LYS A 29 -0.60 29.81 -13.00
C LYS A 29 -0.46 31.32 -12.76
N LYS A 30 -1.35 31.91 -12.00
CA LYS A 30 -1.27 33.36 -11.73
C LYS A 30 -1.93 33.68 -10.39
N ALA A 31 -3.21 33.46 -10.28
CA ALA A 31 -3.91 33.74 -9.00
C ALA A 31 -4.81 32.56 -8.63
N GLY A 32 -5.90 32.39 -9.32
CA GLY A 32 -6.83 31.26 -9.01
C GLY A 32 -7.87 31.72 -7.99
N ARG A 33 -8.50 32.83 -8.23
CA ARG A 33 -9.53 33.33 -7.29
C ARG A 33 -10.93 33.06 -7.85
N GLY A 34 -11.48 31.91 -7.56
CA GLY A 34 -12.83 31.59 -8.08
C GLY A 34 -13.51 30.57 -7.16
N MET A 1 -16.01 6.07 3.17
CA MET A 1 -16.13 4.74 3.83
C MET A 1 -16.66 4.92 5.24
N GLY A 2 -16.71 3.86 6.01
CA GLY A 2 -17.22 3.97 7.41
C GLY A 2 -16.16 3.43 8.37
N LYS A 3 -16.47 3.41 9.65
CA LYS A 3 -15.48 2.89 10.64
C LYS A 3 -15.04 1.48 10.22
N ALA A 4 -13.78 1.18 10.38
CA ALA A 4 -13.28 -0.18 10.00
C ALA A 4 -11.86 -0.37 10.53
N GLU A 5 -11.42 -1.59 10.63
CA GLU A 5 -10.03 -1.83 11.15
C GLU A 5 -9.07 -1.94 9.97
N ASN A 6 -9.57 -2.24 8.79
CA ASN A 6 -8.68 -2.36 7.61
C ASN A 6 -8.22 -0.96 7.17
N TYR A 7 -6.95 -0.78 6.96
CA TYR A 7 -6.45 0.56 6.53
C TYR A 7 -6.74 0.74 5.05
N GLU A 8 -6.45 -0.26 4.26
CA GLU A 8 -6.71 -0.16 2.80
C GLU A 8 -6.22 1.20 2.29
N LEU A 9 -5.13 1.70 2.83
CA LEU A 9 -4.62 3.02 2.38
C LEU A 9 -3.41 2.81 1.48
N TYR A 10 -2.39 2.16 1.97
CA TYR A 10 -1.17 1.94 1.13
C TYR A 10 -1.38 0.67 0.29
N GLN A 11 -2.48 0.00 0.45
CA GLN A 11 -2.73 -1.22 -0.36
C GLN A 11 -3.46 -0.80 -1.64
N VAL A 12 -3.03 0.29 -2.22
CA VAL A 12 -3.68 0.81 -3.44
C VAL A 12 -2.72 0.71 -4.63
N GLU A 13 -2.44 -0.47 -5.10
CA GLU A 13 -1.52 -0.62 -6.25
C GLU A 13 -0.21 0.10 -5.95
N LEU A 14 0.50 -0.31 -4.94
CA LEU A 14 1.78 0.37 -4.60
C LEU A 14 2.80 0.11 -5.71
N GLY A 15 3.95 0.71 -5.63
CA GLY A 15 4.98 0.50 -6.69
C GLY A 15 5.33 -1.00 -6.77
N PRO A 16 5.74 -1.43 -7.94
CA PRO A 16 6.11 -2.83 -8.18
C PRO A 16 7.51 -3.11 -7.63
N GLY A 17 7.61 -3.34 -6.35
CA GLY A 17 8.94 -3.62 -5.74
C GLY A 17 9.37 -5.05 -6.09
N PRO A 18 10.61 -5.35 -5.79
CA PRO A 18 11.19 -6.68 -6.07
C PRO A 18 10.73 -7.69 -5.01
N SER A 19 11.13 -7.49 -3.77
CA SER A 19 10.71 -8.44 -2.70
C SER A 19 10.45 -7.65 -1.41
N GLY A 20 9.42 -8.01 -0.69
CA GLY A 20 9.11 -7.28 0.57
C GLY A 20 7.75 -6.62 0.46
N ASP A 21 7.57 -5.49 1.11
CA ASP A 21 6.26 -4.79 1.04
C ASP A 21 5.16 -5.71 1.59
N MET A 22 5.49 -6.54 2.54
CA MET A 22 4.48 -7.46 3.13
C MET A 22 5.17 -8.45 4.05
N ALA A 23 4.44 -9.04 4.97
CA ALA A 23 5.06 -10.02 5.91
C ALA A 23 6.25 -9.36 6.60
N ALA A 24 6.02 -8.61 7.64
CA ALA A 24 7.14 -7.95 8.35
C ALA A 24 7.81 -8.94 9.30
N LYS A 25 8.51 -8.44 10.29
CA LYS A 25 9.18 -9.36 11.25
C LYS A 25 8.22 -9.71 12.38
N MET A 26 7.10 -10.29 12.05
CA MET A 26 6.11 -10.67 13.10
C MET A 26 4.91 -11.35 12.45
N SER A 27 3.87 -11.58 13.20
CA SER A 27 2.66 -12.23 12.61
C SER A 27 3.00 -13.67 12.23
N LYS A 28 2.22 -14.61 12.67
CA LYS A 28 2.49 -16.03 12.32
C LYS A 28 3.80 -16.48 12.99
N LYS A 29 3.85 -16.41 14.29
CA LYS A 29 5.09 -16.84 15.00
C LYS A 29 5.26 -18.36 14.86
N LYS A 30 6.47 -18.83 14.94
CA LYS A 30 6.70 -20.30 14.81
C LYS A 30 7.31 -20.84 16.11
N ALA A 31 7.11 -22.10 16.37
CA ALA A 31 7.67 -22.70 17.62
C ALA A 31 9.18 -22.90 17.46
N GLY A 32 9.96 -22.14 18.17
CA GLY A 32 11.45 -22.29 18.06
C GLY A 32 12.00 -22.86 19.36
N ARG A 33 13.23 -22.55 19.67
CA ARG A 33 13.84 -23.08 20.93
C ARG A 33 14.70 -21.99 21.58
N GLY A 34 15.82 -21.69 20.99
CA GLY A 34 16.70 -20.64 21.57
C GLY A 34 16.06 -19.27 21.39
N MET A 1 -11.17 6.39 15.97
CA MET A 1 -11.83 5.72 14.82
C MET A 1 -12.42 6.77 13.89
N GLY A 2 -12.67 7.95 14.38
CA GLY A 2 -13.25 9.02 13.53
C GLY A 2 -12.21 10.13 13.32
N LYS A 3 -11.00 9.78 13.01
CA LYS A 3 -9.96 10.81 12.80
C LYS A 3 -9.38 10.67 11.39
N ALA A 4 -10.22 10.51 10.41
CA ALA A 4 -9.73 10.36 9.01
C ALA A 4 -8.53 9.40 8.99
N GLU A 5 -8.79 8.13 8.86
CA GLU A 5 -7.68 7.14 8.84
C GLU A 5 -8.15 5.85 8.16
N ASN A 6 -7.28 5.19 7.45
CA ASN A 6 -7.67 3.92 6.77
C ASN A 6 -6.50 2.95 6.79
N TYR A 7 -6.77 1.67 6.72
CA TYR A 7 -5.67 0.67 6.74
C TYR A 7 -5.38 0.19 5.32
N GLU A 8 -6.37 0.17 4.47
CA GLU A 8 -6.15 -0.29 3.08
C GLU A 8 -5.66 0.87 2.21
N LEU A 9 -5.33 1.97 2.81
CA LEU A 9 -4.84 3.13 2.01
C LEU A 9 -3.48 2.79 1.41
N TYR A 10 -2.71 1.99 2.09
CA TYR A 10 -1.37 1.62 1.56
C TYR A 10 -1.51 0.43 0.60
N GLN A 11 -2.72 0.04 0.31
CA GLN A 11 -2.93 -1.09 -0.63
C GLN A 11 -3.08 -0.52 -2.03
N VAL A 12 -2.31 0.49 -2.33
CA VAL A 12 -2.41 1.15 -3.66
C VAL A 12 -1.21 0.75 -4.52
N GLU A 13 -1.28 -0.39 -5.16
CA GLU A 13 -0.15 -0.83 -6.02
C GLU A 13 1.16 -0.78 -5.22
N LEU A 14 1.09 -0.95 -3.93
CA LEU A 14 2.33 -0.90 -3.10
C LEU A 14 3.39 -1.80 -3.74
N GLY A 15 4.58 -1.84 -3.18
CA GLY A 15 5.65 -2.70 -3.76
C GLY A 15 7.02 -2.13 -3.40
N PRO A 16 8.00 -3.00 -3.35
CA PRO A 16 9.38 -2.62 -3.02
C PRO A 16 10.07 -1.98 -4.23
N GLY A 17 9.79 -0.72 -4.49
CA GLY A 17 10.42 -0.04 -5.65
C GLY A 17 10.35 1.48 -5.44
N PRO A 18 9.27 2.06 -5.88
CA PRO A 18 9.04 3.51 -5.76
C PRO A 18 8.58 3.84 -4.34
N SER A 19 8.44 2.86 -3.50
CA SER A 19 8.00 3.12 -2.10
C SER A 19 8.91 2.37 -1.12
N GLY A 20 8.70 2.54 0.15
CA GLY A 20 9.55 1.83 1.15
C GLY A 20 8.69 1.40 2.33
N ASP A 21 9.30 1.11 3.44
CA ASP A 21 8.52 0.68 4.65
C ASP A 21 9.22 1.16 5.91
N MET A 22 10.51 0.97 6.00
CA MET A 22 11.25 1.41 7.21
C MET A 22 10.97 2.89 7.46
N ALA A 23 10.07 3.19 8.35
CA ALA A 23 9.76 4.61 8.64
C ALA A 23 8.87 4.71 9.89
N ALA A 24 9.45 4.81 11.04
CA ALA A 24 8.65 4.89 12.29
C ALA A 24 7.75 3.66 12.41
N LYS A 25 8.08 2.75 13.29
CA LYS A 25 7.24 1.53 13.46
C LYS A 25 7.47 0.95 14.85
N MET A 26 6.89 1.54 15.85
CA MET A 26 7.07 1.02 17.23
C MET A 26 6.26 1.88 18.21
N SER A 27 4.98 1.68 18.27
CA SER A 27 4.15 2.49 19.21
C SER A 27 3.10 1.60 19.89
N LYS A 28 3.55 0.60 20.60
CA LYS A 28 2.59 -0.30 21.28
C LYS A 28 1.57 -0.83 20.27
N LYS A 29 0.73 -1.75 20.68
CA LYS A 29 -0.29 -2.30 19.74
C LYS A 29 -1.65 -1.68 20.06
N LYS A 30 -1.79 -1.05 21.18
CA LYS A 30 -3.10 -0.43 21.54
C LYS A 30 -4.20 -1.48 21.51
N ALA A 31 -4.68 -1.89 22.65
CA ALA A 31 -5.75 -2.92 22.69
C ALA A 31 -5.23 -4.22 22.07
N GLY A 32 -5.53 -5.33 22.68
CA GLY A 32 -5.04 -6.63 22.13
C GLY A 32 -6.24 -7.50 21.73
N ARG A 33 -7.27 -6.89 21.20
CA ARG A 33 -8.47 -7.68 20.79
C ARG A 33 -9.00 -7.14 19.46
N GLY A 34 -8.15 -6.56 18.66
CA GLY A 34 -8.61 -6.01 17.35
C GLY A 34 -8.45 -7.07 16.26
N MET A 1 -7.52 2.98 21.01
CA MET A 1 -7.96 2.31 22.26
C MET A 1 -8.47 0.90 21.93
N GLY A 2 -8.57 0.57 20.67
CA GLY A 2 -9.05 -0.78 20.28
C GLY A 2 -9.81 -0.70 18.96
N LYS A 3 -9.21 -1.14 17.90
CA LYS A 3 -9.90 -1.09 16.57
C LYS A 3 -9.49 -2.31 15.74
N ALA A 4 -10.41 -2.88 15.01
CA ALA A 4 -10.08 -4.06 14.18
C ALA A 4 -10.65 -3.88 12.77
N GLU A 5 -10.07 -3.02 11.99
CA GLU A 5 -10.58 -2.80 10.61
C GLU A 5 -9.42 -2.48 9.67
N ASN A 6 -9.44 -3.01 8.47
CA ASN A 6 -8.33 -2.73 7.52
C ASN A 6 -8.41 -1.28 7.05
N TYR A 7 -7.27 -0.68 6.79
CA TYR A 7 -7.27 0.74 6.32
C TYR A 7 -7.24 0.77 4.79
N GLU A 8 -6.62 -0.21 4.19
CA GLU A 8 -6.56 -0.24 2.70
C GLU A 8 -6.00 1.09 2.18
N LEU A 9 -5.14 1.72 2.93
CA LEU A 9 -4.57 3.02 2.48
C LEU A 9 -3.42 2.76 1.49
N TYR A 10 -2.31 2.26 1.96
CA TYR A 10 -1.17 1.98 1.04
C TYR A 10 -1.42 0.68 0.29
N GLN A 11 -2.57 0.07 0.48
CA GLN A 11 -2.87 -1.19 -0.25
C GLN A 11 -3.50 -0.84 -1.59
N VAL A 12 -2.99 0.17 -2.23
CA VAL A 12 -3.55 0.62 -3.52
C VAL A 12 -2.49 0.51 -4.63
N GLU A 13 -2.52 -0.55 -5.39
CA GLU A 13 -1.52 -0.71 -6.49
C GLU A 13 -0.13 -0.30 -5.97
N LEU A 14 0.32 -0.93 -4.92
CA LEU A 14 1.67 -0.58 -4.38
C LEU A 14 2.68 -0.50 -5.52
N GLY A 15 3.85 -0.01 -5.24
CA GLY A 15 4.90 0.09 -6.31
C GLY A 15 6.26 0.34 -5.67
N PRO A 16 7.00 -0.73 -5.47
CA PRO A 16 8.34 -0.66 -4.86
C PRO A 16 9.37 -0.17 -5.88
N GLY A 17 9.36 1.09 -6.18
CA GLY A 17 10.35 1.63 -7.17
C GLY A 17 9.73 1.63 -8.57
N PRO A 18 8.85 2.56 -8.80
CA PRO A 18 8.16 2.68 -10.11
C PRO A 18 9.08 3.37 -11.12
N SER A 19 9.26 4.66 -11.00
CA SER A 19 10.15 5.39 -11.95
C SER A 19 11.38 5.90 -11.21
N GLY A 20 11.33 5.94 -9.90
CA GLY A 20 12.49 6.43 -9.12
C GLY A 20 12.57 5.70 -7.78
N ASP A 21 13.54 6.03 -6.97
CA ASP A 21 13.66 5.35 -5.65
C ASP A 21 13.89 3.85 -5.86
N MET A 22 14.57 3.21 -4.95
CA MET A 22 14.85 1.76 -5.10
C MET A 22 15.54 1.23 -3.84
N ALA A 23 16.75 1.63 -3.60
CA ALA A 23 17.48 1.16 -2.39
C ALA A 23 18.78 1.94 -2.24
N ALA A 24 18.70 3.18 -1.84
CA ALA A 24 19.94 3.99 -1.68
C ALA A 24 19.93 4.65 -0.29
N LYS A 25 20.83 4.28 0.56
CA LYS A 25 20.87 4.89 1.92
C LYS A 25 19.61 4.50 2.70
N MET A 26 19.59 3.34 3.28
CA MET A 26 18.39 2.91 4.05
C MET A 26 18.81 1.92 5.14
N SER A 27 19.65 0.99 4.81
CA SER A 27 20.11 0.00 5.83
C SER A 27 20.98 -1.06 5.14
N LYS A 28 21.70 -1.83 5.90
CA LYS A 28 22.58 -2.87 5.29
C LYS A 28 22.44 -4.18 6.06
N LYS A 29 21.93 -5.19 5.41
CA LYS A 29 21.76 -6.51 6.10
C LYS A 29 22.10 -7.64 5.12
N LYS A 30 22.30 -8.83 5.62
CA LYS A 30 22.64 -9.97 4.72
C LYS A 30 21.44 -10.91 4.63
N ALA A 31 20.32 -10.42 4.16
CA ALA A 31 19.12 -11.29 4.05
C ALA A 31 19.16 -12.03 2.71
N GLY A 32 18.54 -13.18 2.64
CA GLY A 32 18.55 -13.95 1.36
C GLY A 32 19.72 -14.93 1.37
N ARG A 33 19.59 -16.02 0.66
CA ARG A 33 20.69 -17.02 0.62
C ARG A 33 21.56 -16.77 -0.61
N GLY A 34 22.81 -17.17 -0.56
CA GLY A 34 23.70 -16.95 -1.75
C GLY A 34 23.84 -18.27 -2.51
#